data_4UMR
#
_entry.id   4UMR
#
_cell.length_a   102.664
_cell.length_b   102.664
_cell.length_c   65.663
_cell.angle_alpha   90.00
_cell.angle_beta   90.00
_cell.angle_gamma   120.00
#
_symmetry.space_group_name_H-M   'P 31 2 1'
#
loop_
_entity.id
_entity.type
_entity.pdbx_description
1 polymer 'MATERNAL EMBRYONIC LEUCINE ZIPPER KINASE'
2 non-polymer 4-fluoro-N-(1,2,3,4-tetrahydroisoquinolin-7-yl)benzamide
3 water water
#
_entity_poly.entity_id   1
_entity_poly.type   'polypeptide(L)'
_entity_poly.pdbx_seq_one_letter_code
;MGSSHHHHHHSSGLVPRGSHMKDYDELLKYYELHETIGTGGFAKVKLACHILTGEMVAIKIMDKNTLGSDLPRIKTEIEA
LKNLRHQHICQLYHVLETANKIFMVLEYCPGGELFDYIISQDRLSEEETRVVFRQIVSAVAYVHSQGYAHRDLKPENLLF
DEYHKLKLIDFGLCAKPKGNKDYHLQACCGSLAYAAPELIQGKSYLGSEADVWSMGILLYVLMCGFLPFDDDTAAALVAK
IMRGKYDVPKWLSPSSILLLQQMLQVDPKKRISMKNLLNHPWIMQDYNYPVEWQSKNPFIHLDDDCVTELSVHHRNNRQT
MEDLISLWQYDHLTATYLLLLAKKARGKPVRLRLSS
;
_entity_poly.pdbx_strand_id   A
#
# COMPACT_ATOMS: atom_id res chain seq x y z
N GLU A 26 -15.44 15.79 14.84
CA GLU A 26 -16.83 16.17 14.65
C GLU A 26 -17.55 15.19 13.71
N LEU A 27 -18.85 14.89 13.96
CA LEU A 27 -19.76 14.05 13.14
C LEU A 27 -19.33 12.54 13.02
N LEU A 28 -18.02 12.26 12.82
CA LEU A 28 -17.49 10.91 12.92
C LEU A 28 -17.45 10.43 14.37
N LYS A 29 -18.55 10.63 15.11
CA LYS A 29 -18.68 9.80 16.30
C LYS A 29 -19.57 8.59 15.94
N TYR A 30 -18.89 7.78 15.09
CA TYR A 30 -18.90 6.34 14.91
C TYR A 30 -17.61 5.80 15.60
N TYR A 31 -16.67 6.71 15.95
CA TYR A 31 -15.32 6.40 16.47
C TYR A 31 -14.92 7.24 17.70
N GLU A 32 -14.30 6.59 18.71
CA GLU A 32 -13.55 7.22 19.80
C GLU A 32 -12.13 7.52 19.27
N LEU A 33 -11.65 8.76 19.43
CA LEU A 33 -10.34 9.13 18.91
C LEU A 33 -9.21 9.03 19.94
N HIS A 34 -8.06 8.44 19.55
CA HIS A 34 -6.89 8.28 20.42
C HIS A 34 -5.73 9.14 19.92
N GLU A 35 -4.52 8.55 19.90
CA GLU A 35 -3.23 9.14 19.60
C GLU A 35 -3.13 9.76 18.19
N THR A 36 -2.11 10.62 17.96
CA THR A 36 -1.79 11.17 16.64
C THR A 36 -0.45 10.57 16.17
N ILE A 37 -0.42 10.00 14.97
CA ILE A 37 0.69 9.14 14.53
C ILE A 37 1.24 9.57 13.15
N GLY A 38 1.64 10.85 13.06
CA GLY A 38 2.19 11.42 11.84
C GLY A 38 1.29 12.47 11.19
N THR A 39 1.71 13.76 11.33
CA THR A 39 1.10 14.90 10.65
C THR A 39 1.94 15.30 9.43
N GLY A 40 1.26 15.43 8.28
CA GLY A 40 1.82 16.03 7.08
C GLY A 40 1.15 17.34 6.74
N GLY A 41 1.87 18.22 6.03
CA GLY A 41 1.35 19.49 5.53
C GLY A 41 0.37 19.32 4.39
N PHE A 42 -0.34 18.15 4.39
CA PHE A 42 -1.20 17.58 3.35
C PHE A 42 -2.31 16.70 4.01
N ALA A 43 -1.90 15.73 4.85
CA ALA A 43 -2.76 14.79 5.56
C ALA A 43 -2.09 14.34 6.88
N LYS A 44 -2.87 14.33 7.98
CA LYS A 44 -2.47 13.78 9.27
C LYS A 44 -3.20 12.48 9.57
N VAL A 45 -2.58 11.60 10.36
CA VAL A 45 -3.14 10.30 10.73
C VAL A 45 -3.47 10.30 12.22
N LYS A 46 -4.73 10.00 12.55
CA LYS A 46 -5.17 9.88 13.93
C LYS A 46 -5.71 8.47 14.21
N LEU A 47 -5.22 7.86 15.28
CA LEU A 47 -5.64 6.56 15.80
C LEU A 47 -7.05 6.65 16.36
N ALA A 48 -7.84 5.56 16.22
CA ALA A 48 -9.27 5.51 16.56
C ALA A 48 -9.81 4.12 16.86
N CYS A 49 -11.03 4.08 17.41
CA CYS A 49 -11.72 2.87 17.79
C CYS A 49 -13.18 2.90 17.30
N HIS A 50 -13.55 2.00 16.36
CA HIS A 50 -14.92 1.87 15.83
C HIS A 50 -15.87 1.43 16.93
N ILE A 51 -16.88 2.28 17.27
CA ILE A 51 -17.71 2.15 18.47
C ILE A 51 -18.37 0.78 18.53
N LEU A 52 -19.07 0.40 17.44
CA LEU A 52 -19.82 -0.83 17.30
C LEU A 52 -18.96 -2.10 17.41
N THR A 53 -17.91 -2.19 16.59
CA THR A 53 -17.12 -3.43 16.46
C THR A 53 -16.13 -3.59 17.58
N GLY A 54 -15.65 -2.47 18.12
CA GLY A 54 -14.59 -2.41 19.11
C GLY A 54 -13.20 -2.44 18.50
N GLU A 55 -13.15 -2.45 17.15
CA GLU A 55 -11.94 -2.59 16.34
C GLU A 55 -11.14 -1.29 16.23
N MET A 56 -9.81 -1.41 16.41
CA MET A 56 -8.83 -0.34 16.24
C MET A 56 -8.63 0.00 14.75
N VAL A 57 -8.49 1.31 14.46
CA VAL A 57 -8.47 1.86 13.10
C VAL A 57 -7.49 3.05 12.99
N ALA A 58 -7.00 3.36 11.78
CA ALA A 58 -6.26 4.61 11.51
C ALA A 58 -7.14 5.56 10.69
N ILE A 59 -7.12 6.86 11.03
CA ILE A 59 -7.89 7.86 10.28
C ILE A 59 -6.97 8.89 9.62
N LYS A 60 -6.93 8.89 8.27
CA LYS A 60 -6.24 9.93 7.52
C LYS A 60 -7.20 11.10 7.37
N ILE A 61 -6.77 12.28 7.83
CA ILE A 61 -7.55 13.51 7.84
C ILE A 61 -6.98 14.48 6.78
N MET A 62 -7.66 14.59 5.64
CA MET A 62 -7.33 15.55 4.59
C MET A 62 -8.12 16.85 4.79
N ASP A 63 -7.47 18.01 4.54
CA ASP A 63 -8.16 19.31 4.46
C ASP A 63 -8.28 19.74 3.00
N LYS A 64 -9.53 19.96 2.53
CA LYS A 64 -9.89 20.33 1.15
C LYS A 64 -9.29 21.68 0.72
N ASN A 65 -9.15 22.62 1.67
CA ASN A 65 -8.49 23.92 1.50
C ASN A 65 -7.03 23.71 1.05
N THR A 66 -6.27 22.88 1.80
CA THR A 66 -4.86 22.53 1.58
C THR A 66 -4.65 21.77 0.26
N LEU A 67 -5.61 20.93 -0.15
CA LEU A 67 -5.57 20.20 -1.41
C LEU A 67 -5.84 21.14 -2.61
N GLY A 68 -7.07 21.63 -2.74
CA GLY A 68 -7.49 22.53 -3.80
C GLY A 68 -7.39 21.95 -5.20
N SER A 69 -6.34 22.36 -5.96
CA SER A 69 -6.06 21.96 -7.34
C SER A 69 -5.64 20.47 -7.50
N ASP A 70 -5.94 19.65 -6.49
CA ASP A 70 -5.63 18.22 -6.45
C ASP A 70 -6.63 17.45 -5.57
N LEU A 71 -7.87 17.97 -5.47
CA LEU A 71 -8.98 17.23 -4.88
C LEU A 71 -9.40 16.04 -5.79
N PRO A 72 -9.62 16.21 -7.14
CA PRO A 72 -9.90 15.04 -7.98
C PRO A 72 -8.77 14.01 -7.99
N ARG A 73 -7.52 14.46 -7.79
CA ARG A 73 -6.37 13.57 -7.57
C ARG A 73 -6.69 12.56 -6.45
N ILE A 74 -7.18 13.07 -5.29
CA ILE A 74 -7.51 12.26 -4.10
C ILE A 74 -8.79 11.42 -4.34
N LYS A 75 -9.83 12.01 -4.97
CA LYS A 75 -11.09 11.33 -5.25
C LYS A 75 -10.88 10.10 -6.13
N THR A 76 -9.95 10.18 -7.10
CA THR A 76 -9.56 9.08 -8.00
C THR A 76 -8.70 8.05 -7.26
N GLU A 77 -7.79 8.53 -6.38
CA GLU A 77 -7.01 7.70 -5.48
C GLU A 77 -7.96 6.84 -4.64
N ILE A 78 -8.95 7.48 -3.99
CA ILE A 78 -9.97 6.85 -3.13
C ILE A 78 -10.84 5.87 -3.93
N GLU A 79 -11.22 6.23 -5.17
CA GLU A 79 -12.02 5.37 -6.02
C GLU A 79 -11.28 4.12 -6.47
N ALA A 80 -9.94 4.19 -6.66
CA ALA A 80 -9.13 2.99 -6.96
C ALA A 80 -9.14 2.08 -5.75
N LEU A 81 -8.90 2.71 -4.58
CA LEU A 81 -8.77 2.07 -3.28
C LEU A 81 -10.04 1.35 -2.82
N LYS A 82 -11.21 1.73 -3.37
CA LYS A 82 -12.46 1.03 -3.15
C LYS A 82 -12.50 -0.31 -3.89
N ASN A 83 -11.72 -0.44 -5.00
CA ASN A 83 -11.72 -1.65 -5.86
C ASN A 83 -10.56 -2.59 -5.59
N LEU A 84 -9.73 -2.29 -4.56
CA LEU A 84 -8.58 -3.13 -4.24
C LEU A 84 -8.72 -3.85 -2.89
N ARG A 85 -8.81 -5.17 -2.95
CA ARG A 85 -8.88 -5.98 -1.74
C ARG A 85 -7.81 -7.05 -1.80
N HIS A 86 -6.70 -6.78 -1.10
CA HIS A 86 -5.53 -7.65 -1.03
C HIS A 86 -4.93 -7.60 0.39
N GLN A 87 -4.31 -8.71 0.77
CA GLN A 87 -3.62 -8.94 2.04
C GLN A 87 -2.42 -7.98 2.27
N HIS A 88 -1.81 -7.45 1.18
CA HIS A 88 -0.67 -6.52 1.31
C HIS A 88 -1.00 -5.11 0.86
N ILE A 89 -2.29 -4.83 0.74
CA ILE A 89 -2.81 -3.49 0.51
C ILE A 89 -3.55 -3.11 1.78
N CYS A 90 -3.22 -1.94 2.34
CA CYS A 90 -3.85 -1.44 3.55
C CYS A 90 -5.33 -1.09 3.29
N GLN A 91 -6.24 -1.83 3.94
CA GLN A 91 -7.68 -1.81 3.65
C GLN A 91 -8.38 -0.47 3.98
N LEU A 92 -9.20 0.04 3.04
CA LEU A 92 -10.10 1.19 3.24
C LEU A 92 -11.49 0.73 3.78
N TYR A 93 -11.91 1.33 4.90
CA TYR A 93 -13.14 0.99 5.60
C TYR A 93 -14.30 1.95 5.31
N HIS A 94 -14.01 3.26 5.33
CA HIS A 94 -15.01 4.33 5.42
C HIS A 94 -14.39 5.58 4.83
N VAL A 95 -15.15 6.28 4.00
CA VAL A 95 -14.80 7.62 3.59
C VAL A 95 -15.86 8.57 4.17
N LEU A 96 -15.43 9.69 4.75
CA LEU A 96 -16.34 10.70 5.26
C LEU A 96 -15.93 12.09 4.81
N GLU A 97 -16.84 12.81 4.11
CA GLU A 97 -16.51 14.13 3.59
C GLU A 97 -17.41 15.18 4.23
N THR A 98 -16.82 16.05 5.05
CA THR A 98 -17.50 17.17 5.71
C THR A 98 -17.34 18.44 4.89
N ALA A 99 -17.81 19.59 5.41
CA ALA A 99 -17.74 20.89 4.75
C ALA A 99 -16.35 21.22 4.16
N ASN A 100 -15.28 20.83 4.88
CA ASN A 100 -13.90 21.17 4.53
C ASN A 100 -12.90 20.01 4.71
N LYS A 101 -13.35 18.89 5.32
CA LYS A 101 -12.47 17.76 5.66
C LYS A 101 -12.86 16.45 4.97
N ILE A 102 -11.86 15.63 4.57
CA ILE A 102 -12.05 14.25 4.09
C ILE A 102 -11.39 13.28 5.06
N PHE A 103 -12.16 12.28 5.52
CA PHE A 103 -11.70 11.27 6.46
C PHE A 103 -11.66 9.91 5.78
N MET A 104 -10.46 9.31 5.66
CA MET A 104 -10.24 7.95 5.18
C MET A 104 -10.05 7.09 6.41
N VAL A 105 -10.93 6.11 6.62
CA VAL A 105 -10.80 5.15 7.70
C VAL A 105 -10.10 3.88 7.15
N LEU A 106 -8.94 3.54 7.73
CA LEU A 106 -7.99 2.58 7.17
C LEU A 106 -7.53 1.50 8.17
N GLU A 107 -7.09 0.34 7.63
CA GLU A 107 -6.50 -0.77 8.38
C GLU A 107 -5.41 -0.27 9.37
N TYR A 108 -5.50 -0.74 10.63
CA TYR A 108 -4.58 -0.41 11.71
C TYR A 108 -3.27 -1.21 11.50
N CYS A 109 -2.13 -0.49 11.39
CA CYS A 109 -0.81 -1.06 11.12
C CYS A 109 0.22 -0.76 12.23
N PRO A 110 0.11 -1.48 13.37
CA PRO A 110 0.95 -1.17 14.54
C PRO A 110 2.46 -1.22 14.27
N GLY A 111 2.89 -2.19 13.46
CA GLY A 111 4.30 -2.47 13.14
C GLY A 111 5.17 -1.31 12.66
N GLY A 112 4.57 -0.32 12.02
CA GLY A 112 5.27 0.89 11.62
C GLY A 112 5.60 0.97 10.15
N GLU A 113 6.57 1.83 9.79
CA GLU A 113 6.95 2.08 8.38
C GLU A 113 8.18 1.26 8.03
N LEU A 114 8.29 0.88 6.76
CA LEU A 114 9.42 0.14 6.21
C LEU A 114 10.65 1.02 6.26
N PHE A 115 10.48 2.33 5.98
CA PHE A 115 11.56 3.30 6.03
C PHE A 115 12.25 3.36 7.38
N ASP A 116 11.44 3.42 8.45
CA ASP A 116 11.95 3.50 9.82
C ASP A 116 12.46 2.15 10.28
N TYR A 117 11.96 1.05 9.67
CA TYR A 117 12.46 -0.30 9.93
C TYR A 117 13.89 -0.52 9.38
N ILE A 118 14.23 0.06 8.22
CA ILE A 118 15.58 -0.10 7.66
C ILE A 118 16.62 0.70 8.48
N ILE A 119 16.38 2.02 8.71
CA ILE A 119 17.30 2.98 9.37
C ILE A 119 17.72 2.53 10.81
N SER A 120 16.91 1.63 11.39
CA SER A 120 17.04 1.08 12.74
C SER A 120 17.89 -0.20 12.75
N GLN A 121 17.92 -0.90 11.60
CA GLN A 121 18.66 -2.15 11.36
C GLN A 121 19.90 -1.84 10.52
N ASP A 122 20.05 -0.53 10.11
CA ASP A 122 20.97 0.04 9.11
C ASP A 122 20.59 -0.44 7.68
N ARG A 123 20.62 -1.78 7.45
CA ARG A 123 20.16 -2.47 6.25
C ARG A 123 19.59 -3.85 6.65
N LEU A 124 18.79 -4.46 5.78
CA LEU A 124 18.24 -5.79 6.02
C LEU A 124 19.09 -6.86 5.37
N SER A 125 19.13 -8.07 5.96
CA SER A 125 19.71 -9.26 5.34
C SER A 125 19.09 -9.54 3.95
N GLU A 126 19.81 -10.29 3.12
CA GLU A 126 19.32 -10.70 1.80
C GLU A 126 18.04 -11.51 1.98
N GLU A 127 18.06 -12.44 2.95
CA GLU A 127 16.99 -13.35 3.27
C GLU A 127 15.74 -12.59 3.77
N GLU A 128 15.92 -11.56 4.64
CA GLU A 128 14.81 -10.72 5.09
C GLU A 128 14.28 -9.80 3.99
N THR A 129 15.17 -9.17 3.17
CA THR A 129 14.72 -8.32 2.06
C THR A 129 13.86 -9.16 1.17
N ARG A 130 14.29 -10.38 0.84
CA ARG A 130 13.58 -11.35 0.02
C ARG A 130 12.15 -11.54 0.53
N VAL A 131 11.97 -11.90 1.84
CA VAL A 131 10.67 -12.07 2.55
C VAL A 131 9.75 -10.87 2.34
N VAL A 132 10.30 -9.66 2.50
CA VAL A 132 9.61 -8.37 2.39
C VAL A 132 9.34 -8.08 0.93
N PHE A 133 10.36 -8.20 0.08
CA PHE A 133 10.25 -7.93 -1.35
C PHE A 133 9.15 -8.76 -1.97
N ARG A 134 9.08 -10.05 -1.63
CA ARG A 134 8.04 -10.93 -2.14
C ARG A 134 6.63 -10.37 -1.88
N GLN A 135 6.47 -9.65 -0.77
CA GLN A 135 5.20 -9.01 -0.41
C GLN A 135 4.89 -7.80 -1.31
N ILE A 136 5.88 -6.92 -1.55
CA ILE A 136 5.75 -5.77 -2.45
C ILE A 136 5.34 -6.28 -3.83
N VAL A 137 6.09 -7.23 -4.38
CA VAL A 137 5.80 -7.81 -5.69
C VAL A 137 4.31 -8.25 -5.75
N SER A 138 3.86 -9.07 -4.77
CA SER A 138 2.48 -9.54 -4.62
C SER A 138 1.44 -8.41 -4.73
N ALA A 139 1.57 -7.36 -3.86
CA ALA A 139 0.70 -6.17 -3.79
C ALA A 139 0.65 -5.47 -5.12
N VAL A 140 1.82 -5.40 -5.79
CA VAL A 140 1.99 -4.58 -6.98
C VAL A 140 1.40 -5.33 -8.20
N ALA A 141 1.75 -6.62 -8.35
CA ALA A 141 1.15 -7.50 -9.35
C ALA A 141 -0.41 -7.48 -9.28
N TYR A 142 -1.01 -7.68 -8.07
CA TYR A 142 -2.45 -7.56 -7.87
C TYR A 142 -3.00 -6.25 -8.46
N VAL A 143 -2.44 -5.10 -8.01
CA VAL A 143 -2.79 -3.74 -8.46
C VAL A 143 -2.83 -3.67 -10.02
N HIS A 144 -1.76 -4.19 -10.68
CA HIS A 144 -1.65 -4.23 -12.13
C HIS A 144 -2.75 -5.04 -12.77
N SER A 145 -3.04 -6.23 -12.24
CA SER A 145 -4.10 -7.10 -12.73
C SER A 145 -5.47 -6.41 -12.67
N GLN A 146 -5.64 -5.47 -11.72
CA GLN A 146 -6.87 -4.70 -11.57
C GLN A 146 -6.89 -3.47 -12.49
N GLY A 147 -5.81 -3.26 -13.23
CA GLY A 147 -5.71 -2.23 -14.25
C GLY A 147 -5.35 -0.87 -13.68
N TYR A 148 -4.48 -0.88 -12.66
CA TYR A 148 -3.94 0.30 -11.99
C TYR A 148 -2.45 0.15 -11.97
N ALA A 149 -1.72 1.26 -11.85
CA ALA A 149 -0.32 1.27 -11.42
C ALA A 149 -0.18 2.23 -10.23
N HIS A 150 0.60 1.82 -9.18
CA HIS A 150 0.82 2.70 -8.01
C HIS A 150 1.42 4.04 -8.42
N ARG A 151 2.45 4.01 -9.29
CA ARG A 151 3.23 5.15 -9.75
C ARG A 151 3.84 5.98 -8.59
N ASP A 152 4.07 5.31 -7.43
CA ASP A 152 4.85 5.84 -6.32
C ASP A 152 5.20 4.76 -5.29
N LEU A 153 6.24 3.98 -5.56
CA LEU A 153 6.64 2.96 -4.59
C LEU A 153 7.86 3.45 -3.84
N LYS A 154 7.70 3.76 -2.56
CA LYS A 154 8.81 4.18 -1.71
C LYS A 154 8.61 3.72 -0.28
N PRO A 155 9.66 3.52 0.55
CA PRO A 155 9.48 2.84 1.85
C PRO A 155 8.51 3.51 2.81
N GLU A 156 8.23 4.80 2.56
CA GLU A 156 7.28 5.61 3.31
C GLU A 156 5.83 5.19 3.02
N ASN A 157 5.62 4.35 1.98
CA ASN A 157 4.31 3.84 1.60
C ASN A 157 4.14 2.39 1.99
N LEU A 158 5.00 1.87 2.87
CA LEU A 158 4.99 0.44 3.19
C LEU A 158 4.97 0.22 4.68
N LEU A 159 3.77 -0.05 5.22
CA LEU A 159 3.53 -0.21 6.64
C LEU A 159 3.61 -1.67 7.05
N PHE A 160 3.85 -1.94 8.33
CA PHE A 160 3.93 -3.29 8.87
C PHE A 160 2.79 -3.51 9.87
N ASP A 161 2.06 -4.65 9.78
CA ASP A 161 1.09 -5.00 10.83
C ASP A 161 1.77 -5.66 12.03
N GLU A 162 0.99 -6.01 13.06
CA GLU A 162 1.49 -6.67 14.28
C GLU A 162 2.17 -8.02 13.98
N TYR A 163 1.81 -8.65 12.83
CA TYR A 163 2.40 -9.89 12.39
C TYR A 163 3.56 -9.64 11.44
N HIS A 164 4.07 -8.36 11.41
CA HIS A 164 5.18 -7.92 10.56
C HIS A 164 5.03 -8.25 9.07
N LYS A 165 3.78 -8.22 8.55
CA LYS A 165 3.47 -8.34 7.13
C LYS A 165 3.27 -6.93 6.51
N LEU A 166 3.72 -6.73 5.24
CA LEU A 166 3.64 -5.43 4.59
C LEU A 166 2.24 -5.05 4.13
N LYS A 167 1.86 -3.78 4.32
CA LYS A 167 0.64 -3.17 3.76
C LYS A 167 1.02 -1.89 2.99
N LEU A 168 0.53 -1.80 1.74
CA LEU A 168 0.78 -0.70 0.81
C LEU A 168 -0.25 0.45 0.94
N ILE A 169 0.23 1.71 1.06
CA ILE A 169 -0.60 2.92 1.23
C ILE A 169 -0.41 3.98 0.11
N ASP A 170 -0.94 5.20 0.35
CA ASP A 170 -0.97 6.43 -0.45
C ASP A 170 -0.74 6.23 -1.96
N PHE A 171 -1.78 5.75 -2.65
CA PHE A 171 -1.76 5.48 -4.09
C PHE A 171 -1.72 6.74 -4.97
N GLY A 172 -1.85 7.91 -4.31
CA GLY A 172 -1.80 9.27 -4.85
C GLY A 172 -1.58 9.46 -6.33
N LEU A 173 -0.39 9.04 -6.83
CA LEU A 173 -0.01 9.13 -8.25
C LEU A 173 -0.23 7.79 -8.97
N CYS A 189 7.67 14.69 -4.51
CA CYS A 189 8.73 15.70 -4.58
C CYS A 189 10.11 15.05 -4.43
N GLY A 190 10.29 14.32 -3.31
CA GLY A 190 11.46 13.50 -3.02
C GLY A 190 11.24 12.05 -3.37
N SER A 191 10.37 11.84 -4.38
CA SER A 191 10.10 10.57 -5.05
C SER A 191 10.89 10.56 -6.36
N LEU A 192 11.65 11.65 -6.59
CA LEU A 192 12.56 11.86 -7.71
C LEU A 192 13.66 10.79 -7.73
N ALA A 193 14.15 10.37 -6.55
CA ALA A 193 15.12 9.28 -6.39
C ALA A 193 14.57 7.93 -6.86
N TYR A 194 13.27 7.67 -6.62
CA TYR A 194 12.57 6.43 -7.01
C TYR A 194 11.93 6.51 -8.39
N ALA A 195 12.11 7.63 -9.11
CA ALA A 195 11.48 7.86 -10.42
C ALA A 195 12.26 7.22 -11.56
N ALA A 196 11.52 6.54 -12.46
CA ALA A 196 12.03 5.89 -13.66
C ALA A 196 12.65 6.91 -14.64
N PRO A 197 13.72 6.56 -15.40
CA PRO A 197 14.37 7.57 -16.27
C PRO A 197 13.43 8.12 -17.35
N GLU A 198 12.57 7.25 -17.93
CA GLU A 198 11.59 7.63 -18.95
C GLU A 198 10.42 8.48 -18.36
N LEU A 199 10.22 8.36 -17.04
CA LEU A 199 9.24 9.11 -16.26
C LEU A 199 9.77 10.53 -16.07
N ILE A 200 11.09 10.65 -15.73
CA ILE A 200 11.84 11.90 -15.59
C ILE A 200 11.68 12.76 -16.85
N GLN A 201 12.09 12.24 -18.02
CA GLN A 201 12.18 13.03 -19.25
C GLN A 201 10.86 13.09 -20.09
N GLY A 202 9.71 12.87 -19.43
CA GLY A 202 8.37 13.00 -20.00
C GLY A 202 8.14 12.27 -21.31
N LYS A 203 8.69 11.05 -21.40
CA LYS A 203 8.55 10.15 -22.55
C LYS A 203 7.32 9.26 -22.33
N SER A 204 6.86 8.56 -23.39
CA SER A 204 5.76 7.59 -23.28
C SER A 204 6.20 6.41 -22.39
N TYR A 205 5.54 6.29 -21.23
CA TYR A 205 5.93 5.27 -20.26
C TYR A 205 4.82 4.27 -20.00
N LEU A 206 5.19 3.01 -19.70
CA LEU A 206 4.23 2.07 -19.15
C LEU A 206 4.31 2.10 -17.65
N GLY A 207 3.13 2.08 -17.01
CA GLY A 207 2.99 2.14 -15.56
C GLY A 207 3.59 0.98 -14.78
N SER A 208 3.78 -0.17 -15.44
CA SER A 208 4.33 -1.40 -14.88
C SER A 208 5.85 -1.41 -14.96
N GLU A 209 6.38 -0.85 -16.07
CA GLU A 209 7.80 -0.77 -16.32
C GLU A 209 8.40 0.27 -15.39
N ALA A 210 7.58 1.28 -15.03
CA ALA A 210 7.93 2.28 -14.02
C ALA A 210 7.90 1.63 -12.61
N ASP A 211 6.83 0.85 -12.32
CA ASP A 211 6.64 0.17 -11.05
C ASP A 211 7.79 -0.80 -10.82
N VAL A 212 8.34 -1.39 -11.93
CA VAL A 212 9.49 -2.28 -11.83
C VAL A 212 10.76 -1.48 -11.49
N TRP A 213 11.01 -0.32 -12.14
CA TRP A 213 12.16 0.53 -11.82
C TRP A 213 12.16 0.86 -10.31
N SER A 214 11.01 1.40 -9.81
CA SER A 214 10.76 1.75 -8.41
C SER A 214 11.11 0.60 -7.48
N MET A 215 10.72 -0.63 -7.84
CA MET A 215 11.00 -1.80 -7.01
C MET A 215 12.47 -2.16 -6.99
N GLY A 216 13.19 -1.89 -8.08
CA GLY A 216 14.64 -1.96 -8.13
C GLY A 216 15.30 -1.02 -7.12
N ILE A 217 14.86 0.26 -7.09
CA ILE A 217 15.40 1.28 -6.19
C ILE A 217 15.14 0.89 -4.73
N LEU A 218 13.94 0.35 -4.49
CA LEU A 218 13.47 -0.10 -3.18
C LEU A 218 14.28 -1.30 -2.74
N LEU A 219 14.51 -2.26 -3.67
CA LEU A 219 15.35 -3.43 -3.43
C LEU A 219 16.77 -3.04 -3.04
N TYR A 220 17.36 -2.06 -3.76
CA TYR A 220 18.65 -1.50 -3.41
C TYR A 220 18.62 -0.96 -1.97
N VAL A 221 17.63 -0.07 -1.64
CA VAL A 221 17.67 0.58 -0.31
C VAL A 221 17.43 -0.45 0.81
N LEU A 222 16.68 -1.52 0.52
CA LEU A 222 16.42 -2.59 1.48
C LEU A 222 17.70 -3.31 1.91
N MET A 223 18.58 -3.62 0.95
CA MET A 223 19.81 -4.39 1.18
C MET A 223 21.00 -3.52 1.60
N CYS A 224 20.99 -2.24 1.21
CA CYS A 224 22.10 -1.32 1.41
C CYS A 224 21.88 -0.32 2.51
N GLY A 225 20.65 0.16 2.66
CA GLY A 225 20.30 1.18 3.63
C GLY A 225 20.59 2.59 3.17
N PHE A 226 20.79 2.76 1.85
CA PHE A 226 20.98 4.04 1.16
C PHE A 226 20.54 3.92 -0.30
N LEU A 227 20.32 5.06 -0.96
CA LEU A 227 19.80 5.10 -2.32
C LEU A 227 20.87 4.75 -3.37
N PRO A 228 20.53 4.13 -4.53
CA PRO A 228 21.54 3.90 -5.57
C PRO A 228 21.98 5.18 -6.27
N PHE A 229 21.02 6.10 -6.54
CA PHE A 229 21.25 7.42 -7.13
C PHE A 229 20.73 8.45 -6.13
N ASP A 230 21.62 9.35 -5.65
CA ASP A 230 21.30 10.34 -4.62
C ASP A 230 22.21 11.54 -4.71
N ASP A 231 21.62 12.74 -4.74
CA ASP A 231 22.36 14.01 -4.81
C ASP A 231 21.60 15.19 -4.20
N ASP A 232 22.36 16.14 -3.62
CA ASP A 232 21.90 17.39 -3.01
C ASP A 232 21.23 18.36 -4.02
N THR A 233 21.86 18.56 -5.19
CA THR A 233 21.24 19.26 -6.32
C THR A 233 20.40 18.23 -7.09
N ALA A 234 19.16 18.59 -7.45
CA ALA A 234 18.23 17.66 -8.11
C ALA A 234 18.52 17.42 -9.59
N ALA A 235 19.27 18.33 -10.25
CA ALA A 235 19.70 18.17 -11.65
C ALA A 235 20.73 17.04 -11.77
N ALA A 236 21.73 17.02 -10.87
CA ALA A 236 22.77 15.99 -10.78
C ALA A 236 22.19 14.63 -10.41
N LEU A 237 21.10 14.62 -9.63
CA LEU A 237 20.29 13.42 -9.32
C LEU A 237 19.70 12.88 -10.63
N VAL A 238 19.12 13.76 -11.45
CA VAL A 238 18.52 13.45 -12.74
C VAL A 238 19.59 12.91 -13.71
N ALA A 239 20.82 13.48 -13.65
CA ALA A 239 21.98 13.03 -14.41
C ALA A 239 22.38 11.57 -14.13
N LYS A 240 22.48 11.20 -12.83
CA LYS A 240 22.87 9.86 -12.36
C LYS A 240 21.86 8.80 -12.76
N ILE A 241 20.56 9.14 -12.74
CA ILE A 241 19.45 8.24 -13.12
C ILE A 241 19.55 7.88 -14.61
N MET A 242 19.78 8.89 -15.47
CA MET A 242 19.96 8.68 -16.90
C MET A 242 21.23 7.89 -17.19
N ARG A 243 22.34 8.22 -16.49
CA ARG A 243 23.64 7.55 -16.63
C ARG A 243 23.51 6.07 -16.29
N GLY A 244 22.61 5.74 -15.37
CA GLY A 244 22.29 4.37 -15.00
C GLY A 244 23.33 3.67 -14.15
N LYS A 245 24.48 4.33 -13.95
CA LYS A 245 25.59 3.80 -13.15
C LYS A 245 25.33 4.05 -11.66
N TYR A 246 25.51 3.01 -10.82
CA TYR A 246 25.33 3.09 -9.37
C TYR A 246 26.40 2.30 -8.60
N ASP A 247 26.62 2.66 -7.33
CA ASP A 247 27.53 1.97 -6.43
C ASP A 247 27.02 0.55 -6.14
N VAL A 248 27.95 -0.41 -5.98
CA VAL A 248 27.64 -1.78 -5.56
C VAL A 248 28.46 -2.12 -4.30
N PRO A 249 27.82 -2.13 -3.10
CA PRO A 249 28.51 -2.61 -1.90
C PRO A 249 29.04 -4.04 -1.97
N LYS A 250 30.19 -4.27 -1.34
CA LYS A 250 30.88 -5.57 -1.25
C LYS A 250 29.98 -6.68 -0.68
N TRP A 251 29.02 -6.32 0.21
CA TRP A 251 28.19 -7.30 0.91
C TRP A 251 27.11 -7.95 0.01
N LEU A 252 26.79 -7.31 -1.13
CA LEU A 252 25.81 -7.78 -2.12
C LEU A 252 26.25 -9.08 -2.82
N SER A 253 25.37 -10.11 -2.79
CA SER A 253 25.60 -11.40 -3.46
C SER A 253 25.48 -11.26 -4.98
N PRO A 254 26.04 -12.20 -5.79
CA PRO A 254 26.00 -12.04 -7.26
C PRO A 254 24.59 -12.04 -7.85
N SER A 255 23.71 -12.95 -7.36
CA SER A 255 22.31 -13.03 -7.76
C SER A 255 21.59 -11.72 -7.49
N SER A 256 21.88 -11.07 -6.35
CA SER A 256 21.37 -9.75 -5.99
C SER A 256 21.74 -8.71 -7.06
N ILE A 257 23.06 -8.48 -7.26
CA ILE A 257 23.65 -7.60 -8.27
C ILE A 257 23.01 -7.85 -9.65
N LEU A 258 22.89 -9.15 -10.00
CA LEU A 258 22.28 -9.62 -11.24
C LEU A 258 20.79 -9.26 -11.35
N LEU A 259 20.00 -9.42 -10.25
CA LEU A 259 18.58 -9.01 -10.25
C LEU A 259 18.46 -7.51 -10.32
N LEU A 260 19.29 -6.77 -9.55
CA LEU A 260 19.38 -5.33 -9.57
C LEU A 260 19.64 -4.80 -10.99
N GLN A 261 20.60 -5.40 -11.74
CA GLN A 261 20.90 -4.89 -13.06
C GLN A 261 19.79 -5.24 -14.07
N GLN A 262 19.02 -6.32 -13.83
CA GLN A 262 17.83 -6.63 -14.62
C GLN A 262 16.72 -5.58 -14.40
N MET A 263 16.60 -5.05 -13.17
CA MET A 263 15.55 -4.16 -12.68
C MET A 263 15.84 -2.69 -12.97
N LEU A 264 17.13 -2.28 -12.98
CA LEU A 264 17.50 -0.88 -13.23
C LEU A 264 18.13 -0.67 -14.61
N GLN A 265 17.47 -1.22 -15.63
CA GLN A 265 17.76 -0.92 -17.03
C GLN A 265 17.14 0.43 -17.30
N VAL A 266 17.92 1.38 -17.85
CA VAL A 266 17.40 2.70 -18.24
C VAL A 266 16.28 2.52 -19.28
N ASP A 267 16.57 1.81 -20.41
CA ASP A 267 15.63 1.54 -21.49
C ASP A 267 14.51 0.58 -21.05
N PRO A 268 13.23 1.02 -21.07
CA PRO A 268 12.15 0.20 -20.49
C PRO A 268 11.94 -1.15 -21.18
N LYS A 269 12.24 -1.20 -22.51
CA LYS A 269 12.24 -2.43 -23.31
C LYS A 269 13.17 -3.45 -22.67
N LYS A 270 14.33 -2.98 -22.19
CA LYS A 270 15.35 -3.83 -21.56
C LYS A 270 14.99 -4.26 -20.13
N ARG A 271 14.13 -3.50 -19.39
CA ARG A 271 13.78 -3.86 -18.01
C ARG A 271 13.02 -5.16 -17.91
N ILE A 272 13.41 -5.95 -16.91
CA ILE A 272 12.74 -7.17 -16.42
C ILE A 272 11.19 -6.94 -16.32
N SER A 273 10.39 -7.83 -16.95
CA SER A 273 8.93 -7.73 -16.87
C SER A 273 8.40 -8.23 -15.53
N MET A 274 7.21 -7.75 -15.15
CA MET A 274 6.51 -8.18 -13.93
C MET A 274 6.28 -9.71 -13.92
N LYS A 275 5.91 -10.26 -15.08
CA LYS A 275 5.69 -11.67 -15.33
C LYS A 275 6.95 -12.47 -15.00
N ASN A 276 8.13 -12.00 -15.49
CA ASN A 276 9.40 -12.68 -15.23
C ASN A 276 9.90 -12.52 -13.81
N LEU A 277 9.40 -11.48 -13.11
CA LEU A 277 9.80 -11.16 -11.74
C LEU A 277 9.14 -12.10 -10.71
N LEU A 278 7.88 -12.49 -10.92
CA LEU A 278 7.10 -13.37 -10.03
C LEU A 278 7.76 -14.72 -9.77
N ASN A 279 8.45 -15.26 -10.77
CA ASN A 279 9.11 -16.55 -10.67
C ASN A 279 10.67 -16.47 -10.88
N HIS A 280 11.28 -15.31 -10.55
CA HIS A 280 12.70 -15.04 -10.73
C HIS A 280 13.59 -15.95 -9.85
N PRO A 281 14.75 -16.44 -10.39
CA PRO A 281 15.72 -17.17 -9.54
C PRO A 281 15.99 -16.60 -8.14
N TRP A 282 16.19 -15.27 -8.03
CA TRP A 282 16.51 -14.62 -6.77
C TRP A 282 15.32 -14.68 -5.84
N ILE A 283 14.12 -14.35 -6.36
CA ILE A 283 12.82 -14.33 -5.68
C ILE A 283 12.49 -15.71 -5.07
N MET A 284 12.93 -16.77 -5.76
CA MET A 284 12.68 -18.15 -5.35
C MET A 284 13.89 -18.80 -4.67
N GLN A 285 14.96 -18.00 -4.37
CA GLN A 285 16.23 -18.49 -3.82
C GLN A 285 16.09 -19.18 -2.47
N ASP A 286 15.10 -18.79 -1.63
CA ASP A 286 14.92 -19.40 -0.30
C ASP A 286 13.63 -20.20 -0.22
N TYR A 287 12.48 -19.59 -0.52
CA TYR A 287 11.16 -20.21 -0.64
C TYR A 287 10.92 -20.43 -2.14
N ASN A 288 11.05 -21.70 -2.58
CA ASN A 288 11.13 -22.12 -3.99
C ASN A 288 9.75 -22.24 -4.66
N TYR A 289 8.93 -21.19 -4.50
CA TYR A 289 7.60 -21.06 -5.09
C TYR A 289 7.47 -19.67 -5.69
N PRO A 290 6.69 -19.46 -6.77
CA PRO A 290 6.54 -18.10 -7.31
C PRO A 290 5.64 -17.25 -6.41
N VAL A 291 5.67 -15.92 -6.62
CA VAL A 291 4.91 -14.97 -5.82
C VAL A 291 3.41 -15.21 -5.99
N GLU A 292 2.72 -15.27 -4.84
CA GLU A 292 1.28 -15.47 -4.74
C GLU A 292 0.56 -14.11 -4.75
N TRP A 293 0.46 -13.52 -5.94
CA TRP A 293 -0.11 -12.19 -6.08
C TRP A 293 -1.62 -12.15 -6.00
N GLN A 294 -2.26 -13.27 -6.38
CA GLN A 294 -3.72 -13.46 -6.41
C GLN A 294 -4.29 -13.10 -5.06
N SER A 295 -5.41 -12.35 -5.02
CA SER A 295 -6.03 -12.02 -3.73
C SER A 295 -6.43 -13.32 -3.02
N LYS A 296 -5.93 -13.49 -1.78
CA LYS A 296 -6.24 -14.64 -0.92
C LYS A 296 -7.56 -14.42 -0.18
N ASN A 297 -8.08 -13.19 -0.20
CA ASN A 297 -9.36 -12.81 0.42
C ASN A 297 -10.33 -12.09 -0.55
N PRO A 298 -10.71 -12.68 -1.73
CA PRO A 298 -11.55 -11.93 -2.69
C PRO A 298 -12.94 -11.62 -2.14
N PHE A 299 -13.52 -10.51 -2.59
CA PHE A 299 -14.80 -9.97 -2.15
C PHE A 299 -16.05 -10.84 -2.48
N ILE A 300 -15.89 -11.90 -3.35
CA ILE A 300 -16.87 -12.89 -3.86
C ILE A 300 -18.36 -12.62 -3.42
N HIS A 301 -18.80 -13.26 -2.33
CA HIS A 301 -20.13 -13.10 -1.75
C HIS A 301 -19.98 -12.45 -0.37
N LEU A 302 -21.08 -11.97 0.18
CA LEU A 302 -21.09 -11.43 1.54
C LEU A 302 -21.03 -12.57 2.55
N ASP A 303 -20.33 -12.38 3.70
CA ASP A 303 -20.27 -13.37 4.77
C ASP A 303 -21.58 -13.44 5.50
N ASP A 304 -22.08 -14.67 5.70
CA ASP A 304 -23.37 -14.94 6.29
C ASP A 304 -23.54 -14.35 7.67
N ASP A 305 -22.61 -14.67 8.58
CA ASP A 305 -22.62 -14.30 10.01
C ASP A 305 -22.61 -12.78 10.21
N CYS A 306 -21.84 -12.06 9.37
CA CYS A 306 -21.78 -10.59 9.36
C CYS A 306 -23.12 -10.00 8.96
N VAL A 307 -23.73 -10.53 7.87
CA VAL A 307 -25.04 -10.13 7.38
C VAL A 307 -26.09 -10.42 8.45
N THR A 308 -26.06 -11.61 9.09
CA THR A 308 -27.08 -11.88 10.12
C THR A 308 -26.92 -10.89 11.31
N GLU A 309 -25.69 -10.66 11.81
CA GLU A 309 -25.50 -9.70 12.89
C GLU A 309 -25.92 -8.26 12.52
N LEU A 310 -25.69 -7.82 11.26
CA LEU A 310 -26.11 -6.49 10.82
C LEU A 310 -27.61 -6.39 10.63
N SER A 311 -28.26 -7.50 10.26
CA SER A 311 -29.72 -7.61 10.16
C SER A 311 -30.39 -7.46 11.52
N VAL A 312 -29.90 -8.16 12.57
CA VAL A 312 -30.46 -8.08 13.93
C VAL A 312 -30.32 -6.64 14.46
N HIS A 313 -29.14 -6.04 14.22
CA HIS A 313 -28.81 -4.70 14.66
C HIS A 313 -29.67 -3.66 13.93
N HIS A 314 -29.54 -3.58 12.59
CA HIS A 314 -30.25 -2.56 11.82
C HIS A 314 -31.73 -2.88 11.65
N ARG A 315 -32.24 -3.93 12.37
CA ARG A 315 -33.65 -4.31 12.48
C ARG A 315 -34.34 -4.33 11.11
N ASN A 316 -33.73 -5.05 10.16
CA ASN A 316 -34.38 -5.43 8.91
C ASN A 316 -33.92 -6.82 8.49
N ASN A 317 -34.60 -7.40 7.50
CA ASN A 317 -34.41 -8.77 7.06
C ASN A 317 -33.09 -9.02 6.31
N ARG A 318 -32.74 -10.31 6.07
CA ARG A 318 -31.53 -10.71 5.37
C ARG A 318 -31.39 -10.09 3.97
N GLN A 319 -32.46 -10.13 3.17
CA GLN A 319 -32.37 -9.65 1.80
C GLN A 319 -32.21 -8.13 1.72
N THR A 320 -33.05 -7.39 2.47
CA THR A 320 -32.92 -5.94 2.52
C THR A 320 -31.56 -5.54 3.10
N MET A 321 -31.01 -6.33 4.07
CA MET A 321 -29.65 -6.09 4.58
C MET A 321 -28.56 -6.37 3.54
N GLU A 322 -28.64 -7.51 2.82
CA GLU A 322 -27.71 -7.84 1.72
C GLU A 322 -27.66 -6.76 0.61
N ASP A 323 -28.84 -6.27 0.16
CA ASP A 323 -28.94 -5.24 -0.88
C ASP A 323 -28.24 -3.98 -0.44
N LEU A 324 -28.53 -3.54 0.79
CA LEU A 324 -27.92 -2.38 1.43
C LEU A 324 -26.40 -2.48 1.47
N ILE A 325 -25.85 -3.66 1.85
CA ILE A 325 -24.40 -3.88 1.84
C ILE A 325 -23.83 -3.79 0.42
N SER A 326 -24.40 -4.57 -0.54
CA SER A 326 -23.91 -4.73 -1.92
C SER A 326 -23.79 -3.42 -2.73
N LEU A 327 -24.39 -2.35 -2.18
CA LEU A 327 -24.36 -0.98 -2.67
C LEU A 327 -22.96 -0.36 -2.49
N TRP A 328 -22.16 -0.88 -1.52
CA TRP A 328 -20.79 -0.51 -1.17
C TRP A 328 -20.56 0.97 -1.30
N GLN A 329 -21.11 1.75 -0.38
CA GLN A 329 -21.01 3.22 -0.43
C GLN A 329 -19.76 3.78 0.27
N TYR A 330 -19.09 2.95 1.07
CA TYR A 330 -17.98 3.29 1.97
C TYR A 330 -18.42 4.27 3.06
N ASP A 331 -19.70 4.13 3.47
CA ASP A 331 -20.33 4.73 4.64
C ASP A 331 -20.09 3.87 5.88
N HIS A 332 -20.75 4.21 6.98
CA HIS A 332 -20.70 3.45 8.24
C HIS A 332 -21.09 1.95 8.12
N LEU A 333 -21.96 1.59 7.16
CA LEU A 333 -22.35 0.20 6.95
C LEU A 333 -21.18 -0.63 6.42
N THR A 334 -20.43 -0.04 5.47
CA THR A 334 -19.30 -0.66 4.79
C THR A 334 -18.22 -0.91 5.84
N ALA A 335 -17.91 0.12 6.66
CA ALA A 335 -17.01 0.04 7.80
C ALA A 335 -17.46 -1.05 8.77
N THR A 336 -18.74 -1.04 9.21
CA THR A 336 -19.24 -2.05 10.15
C THR A 336 -19.13 -3.45 9.57
N TYR A 337 -19.48 -3.64 8.30
CA TYR A 337 -19.38 -4.95 7.67
C TYR A 337 -17.93 -5.42 7.65
N LEU A 338 -17.04 -4.59 7.08
CA LEU A 338 -15.65 -4.94 6.87
C LEU A 338 -14.93 -5.12 8.17
N LEU A 339 -15.38 -4.40 9.23
CA LEU A 339 -14.78 -4.57 10.55
C LEU A 339 -15.35 -5.75 11.31
N LEU A 340 -16.63 -6.10 11.07
CA LEU A 340 -17.17 -7.36 11.59
C LEU A 340 -16.45 -8.54 10.95
N LEU A 341 -16.12 -8.42 9.64
CA LEU A 341 -15.36 -9.41 8.88
C LEU A 341 -13.98 -9.64 9.53
N ALA A 342 -13.30 -8.53 9.89
CA ALA A 342 -12.03 -8.53 10.60
C ALA A 342 -12.15 -9.28 11.94
N LYS A 343 -13.19 -8.92 12.75
CA LYS A 343 -13.49 -9.51 14.05
C LYS A 343 -13.66 -11.01 13.89
N LYS A 344 -14.42 -11.45 12.85
CA LYS A 344 -14.68 -12.88 12.60
C LYS A 344 -13.39 -13.65 12.35
N ALA A 345 -12.44 -13.01 11.61
CA ALA A 345 -11.21 -13.64 11.14
C ALA A 345 -10.25 -13.94 12.32
N ARG A 346 -10.33 -13.11 13.38
CA ARG A 346 -9.58 -13.20 14.64
C ARG A 346 -10.13 -14.31 15.57
N GLY A 347 -11.28 -14.87 15.21
CA GLY A 347 -11.98 -15.88 15.99
C GLY A 347 -12.75 -15.28 17.14
N LYS A 348 -12.87 -13.94 17.15
CA LYS A 348 -13.71 -13.21 18.11
C LYS A 348 -15.18 -13.41 17.68
N PRO A 349 -16.14 -13.38 18.62
CA PRO A 349 -17.55 -13.44 18.20
C PRO A 349 -17.93 -12.30 17.26
N VAL A 350 -18.81 -12.59 16.28
CA VAL A 350 -19.23 -11.65 15.22
C VAL A 350 -20.40 -10.86 15.80
N ARG A 351 -20.10 -9.91 16.72
CA ARG A 351 -21.14 -9.16 17.43
C ARG A 351 -20.79 -7.68 17.61
N LEU A 352 -21.81 -6.81 17.46
CA LEU A 352 -21.76 -5.39 17.84
C LEU A 352 -22.20 -5.25 19.32
N ARG A 353 -21.77 -4.16 20.01
CA ARG A 353 -21.99 -3.95 21.46
C ARG A 353 -23.46 -4.09 21.90
#